data_9DSS
#
_entry.id   9DSS
#
_cell.length_a   72.114
_cell.length_b   72.114
_cell.length_c   195.786
_cell.angle_alpha   90.00
_cell.angle_beta   90.00
_cell.angle_gamma   90.00
#
_symmetry.space_group_name_H-M   'P 43 21 2'
#
loop_
_entity.id
_entity.type
_entity.pdbx_description
1 polymer 'Heavy chain of Fab 7088'
2 polymer 'Light Chain of Fab 7088'
3 polymer 'Circumsporozoite protein'
4 water water
#
loop_
_entity_poly.entity_id
_entity_poly.type
_entity_poly.pdbx_seq_one_letter_code
_entity_poly.pdbx_strand_id
1 'polypeptide(L)'
;QVQLVESGGGVVQPGRSLRLSCAASGFAFNTYGMHWVRQTPGKGLEWVAIIWYDGSQKYYADSVQGRFIISRDNHKNTLS
LQMNGLRAEDTAVYFCVRVRFSVGPHGSAFDLWGQGTMVIVSSASTKGPSVFPLAPSSKSTSGGTAALGCLVKDYFPEPV
TVSWNSGALTSGVHTFPAVLQSSGLYSLSSVVTVPSSSLGTQTYICNVNHKPSNTKVDKKVEPKSCD
;
C
2 'polypeptide(L)'
;GVQMTQSPSTLSASVGDRVTLTCRASQSISSWLAWYQQKPGKAPKLLIYDASSLESGVPSRFSGSGSGTEFTLTISSLQP
DDFATYYCQQYNSYSFWTFGQGTKVEIKRTVAAPSVFIFPPSDEQLKSGTASVVCLLNNFYPREAKVQWKVDNALQSGNS
QESVTEQDSKDSTYSLSSTLTLSKADYEKHKVYACEVTHQGLSSPVTKSFNRGEC
;
B
3 'polypeptide(L)' NPNANPNANPNA A
#
# COMPACT_ATOMS: atom_id res chain seq x y z
N VAL A 2 -1.05 -5.05 -27.43
CA VAL A 2 -2.13 -5.53 -26.56
C VAL A 2 -2.11 -4.76 -25.27
N GLN A 3 -3.16 -3.99 -24.99
CA GLN A 3 -3.09 -3.14 -23.80
C GLN A 3 -4.46 -2.67 -23.39
N LEU A 4 -4.53 -2.24 -22.14
CA LEU A 4 -5.70 -1.60 -21.56
C LEU A 4 -5.19 -0.30 -20.96
N VAL A 5 -5.86 0.82 -21.25
CA VAL A 5 -5.40 2.12 -20.79
C VAL A 5 -6.57 2.85 -20.17
N GLU A 6 -6.50 3.11 -18.87
CA GLU A 6 -7.58 3.74 -18.11
C GLU A 6 -7.45 5.26 -18.15
N SER A 7 -8.59 5.94 -18.02
CA SER A 7 -8.57 7.40 -17.97
C SER A 7 -9.73 7.86 -17.12
N GLY A 8 -9.69 9.14 -16.75
CA GLY A 8 -10.76 9.76 -16.03
C GLY A 8 -10.51 9.97 -14.56
N GLY A 9 -9.45 9.41 -14.00
CA GLY A 9 -9.20 9.59 -12.59
C GLY A 9 -8.80 11.01 -12.25
N GLY A 10 -8.80 11.29 -10.95
CA GLY A 10 -8.40 12.59 -10.45
C GLY A 10 -9.03 12.84 -9.10
N VAL A 11 -9.05 14.11 -8.70
CA VAL A 11 -9.59 14.52 -7.42
C VAL A 11 -11.09 14.79 -7.58
N VAL A 12 -11.89 14.18 -6.71
CA VAL A 12 -13.35 14.35 -6.73
C VAL A 12 -13.81 14.57 -5.30
N GLN A 13 -14.78 15.47 -5.12
CA GLN A 13 -15.34 15.71 -3.80
C GLN A 13 -16.20 14.54 -3.34
N PRO A 14 -16.28 14.29 -2.03
CA PRO A 14 -17.20 13.26 -1.54
C PRO A 14 -18.64 13.60 -1.88
N GLY A 15 -19.43 12.56 -2.16
CA GLY A 15 -20.77 12.70 -2.67
C GLY A 15 -20.85 12.87 -4.17
N ARG A 16 -19.82 13.43 -4.79
CA ARG A 16 -19.87 13.74 -6.21
C ARG A 16 -19.69 12.46 -7.03
N SER A 17 -19.60 12.60 -8.35
CA SER A 17 -19.56 11.46 -9.25
C SER A 17 -18.36 11.57 -10.17
N LEU A 18 -17.95 10.41 -10.70
CA LEU A 18 -16.78 10.36 -11.57
C LEU A 18 -16.95 9.17 -12.50
N ARG A 19 -16.67 9.35 -13.79
CA ARG A 19 -16.73 8.26 -14.75
C ARG A 19 -15.31 7.93 -15.22
N LEU A 20 -14.92 6.67 -15.04
CA LEU A 20 -13.66 6.16 -15.58
C LEU A 20 -13.94 5.47 -16.89
N SER A 21 -12.96 5.49 -17.76
CA SER A 21 -13.01 4.80 -19.04
CA SER A 21 -13.02 4.79 -19.03
C SER A 21 -11.75 3.98 -19.21
N CYS A 22 -11.84 2.92 -20.01
CA CYS A 22 -10.70 2.08 -20.30
C CYS A 22 -10.74 1.74 -21.78
N ALA A 23 -9.67 2.09 -22.49
CA ALA A 23 -9.56 1.82 -23.91
C ALA A 23 -8.74 0.55 -24.08
N ALA A 24 -9.32 -0.44 -24.75
CA ALA A 24 -8.68 -1.72 -25.00
C ALA A 24 -8.22 -1.78 -26.44
N SER A 25 -7.05 -2.35 -26.68
CA SER A 25 -6.65 -2.51 -28.07
C SER A 25 -5.80 -3.76 -28.24
N GLY A 26 -5.80 -4.25 -29.48
CA GLY A 26 -4.94 -5.36 -29.84
C GLY A 26 -5.51 -6.74 -29.59
N PHE A 27 -6.77 -6.83 -29.16
CA PHE A 27 -7.39 -8.14 -28.99
C PHE A 27 -8.87 -8.01 -29.34
N ALA A 28 -9.54 -9.15 -29.48
CA ALA A 28 -10.98 -9.21 -29.76
C ALA A 28 -11.72 -8.89 -28.47
N PHE A 29 -11.95 -7.58 -28.23
CA PHE A 29 -12.50 -7.11 -26.97
C PHE A 29 -13.91 -7.63 -26.73
N ASN A 30 -14.74 -7.69 -27.77
CA ASN A 30 -16.13 -8.10 -27.59
C ASN A 30 -16.28 -9.57 -27.20
N THR A 31 -15.22 -10.37 -27.26
CA THR A 31 -15.28 -11.78 -26.87
C THR A 31 -14.92 -12.01 -25.40
N TYR A 32 -14.53 -10.97 -24.66
CA TYR A 32 -13.95 -11.11 -23.32
C TYR A 32 -14.84 -10.53 -22.22
N GLY A 33 -14.98 -11.27 -21.12
CA GLY A 33 -15.40 -10.63 -19.88
C GLY A 33 -14.34 -9.69 -19.34
N MET A 34 -14.79 -8.63 -18.68
CA MET A 34 -13.90 -7.55 -18.24
C MET A 34 -14.27 -7.13 -16.82
N HIS A 35 -13.27 -6.66 -16.07
CA HIS A 35 -13.44 -6.32 -14.67
C HIS A 35 -12.83 -4.96 -14.34
N TRP A 36 -13.27 -4.41 -13.22
CA TRP A 36 -12.58 -3.35 -12.51
C TRP A 36 -12.09 -3.87 -11.16
N VAL A 37 -10.81 -3.60 -10.85
CA VAL A 37 -10.18 -3.98 -9.58
C VAL A 37 -9.51 -2.72 -9.04
N ARG A 38 -9.59 -2.51 -7.73
CA ARG A 38 -8.98 -1.31 -7.18
C ARG A 38 -7.97 -1.69 -6.10
N GLN A 39 -7.10 -0.73 -5.79
CA GLN A 39 -6.02 -0.95 -4.83
C GLN A 39 -5.75 0.33 -4.04
N THR A 40 -5.95 0.29 -2.76
CA THR A 40 -5.36 1.34 -1.95
C THR A 40 -3.97 0.91 -1.51
N PRO A 41 -3.07 1.82 -1.15
CA PRO A 41 -1.83 1.36 -0.50
C PRO A 41 -2.04 0.54 0.77
N GLY A 42 -3.05 0.86 1.59
CA GLY A 42 -3.18 0.28 2.92
C GLY A 42 -4.09 -0.93 3.09
N LYS A 43 -4.90 -1.20 2.07
CA LYS A 43 -5.50 -2.50 1.82
C LYS A 43 -4.84 -3.01 0.55
N GLY A 44 -4.92 -4.30 0.30
CA GLY A 44 -4.39 -4.79 -0.95
C GLY A 44 -5.38 -4.57 -2.09
N LEU A 45 -5.57 -5.62 -2.88
CA LEU A 45 -6.42 -5.58 -4.05
C LEU A 45 -7.85 -5.89 -3.65
N GLU A 46 -8.79 -5.13 -4.21
CA GLU A 46 -10.22 -5.35 -3.99
C GLU A 46 -10.95 -5.35 -5.32
N TRP A 47 -11.62 -6.46 -5.61
CA TRP A 47 -12.47 -6.55 -6.79
C TRP A 47 -13.66 -5.59 -6.68
N VAL A 48 -14.08 -5.05 -7.84
CA VAL A 48 -15.10 -4.01 -7.89
C VAL A 48 -16.30 -4.44 -8.72
N ALA A 49 -16.07 -4.91 -9.95
CA ALA A 49 -17.21 -5.24 -10.82
C ALA A 49 -16.77 -6.08 -12.01
N ILE A 50 -17.72 -6.85 -12.55
CA ILE A 50 -17.51 -7.64 -13.75
C ILE A 50 -18.61 -7.30 -14.74
N ILE A 51 -18.31 -7.45 -16.02
CA ILE A 51 -19.33 -7.36 -17.07
C ILE A 51 -19.05 -8.44 -18.12
N TRP A 52 -20.10 -9.13 -18.52
CA TRP A 52 -20.03 -10.16 -19.54
C TRP A 52 -19.58 -9.58 -20.87
N TYR A 53 -19.09 -10.47 -21.76
CA TYR A 53 -18.59 -10.04 -23.07
C TYR A 53 -19.61 -9.20 -23.84
N ASP A 54 -20.90 -9.53 -23.73
CA ASP A 54 -21.95 -8.85 -24.49
C ASP A 54 -22.75 -7.87 -23.65
N GLY A 55 -22.29 -7.56 -22.44
CA GLY A 55 -23.03 -6.64 -21.59
C GLY A 55 -24.25 -7.22 -20.90
N SER A 56 -24.51 -8.52 -21.07
CA SER A 56 -25.78 -9.12 -20.63
C SER A 56 -25.81 -9.50 -19.14
N GLN A 57 -24.67 -9.52 -18.45
CA GLN A 57 -24.62 -9.77 -17.02
C GLN A 57 -23.58 -8.85 -16.40
N LYS A 58 -23.91 -8.29 -15.23
CA LYS A 58 -23.03 -7.42 -14.44
C LYS A 58 -23.13 -7.85 -12.98
N TYR A 59 -22.00 -7.85 -12.26
CA TYR A 59 -22.00 -8.08 -10.81
C TYR A 59 -21.05 -7.12 -10.13
N TYR A 60 -21.37 -6.79 -8.89
CA TYR A 60 -20.67 -5.78 -8.13
C TYR A 60 -20.25 -6.33 -6.77
N ALA A 61 -19.23 -5.69 -6.21
CA ALA A 61 -18.87 -5.88 -4.81
C ALA A 61 -19.84 -5.11 -3.92
N ASP A 62 -20.14 -5.69 -2.76
CA ASP A 62 -21.08 -5.08 -1.82
C ASP A 62 -20.70 -3.64 -1.49
N SER A 63 -19.40 -3.37 -1.34
CA SER A 63 -18.97 -2.04 -0.95
C SER A 63 -19.33 -0.98 -1.99
N VAL A 64 -19.62 -1.38 -3.22
CA VAL A 64 -19.98 -0.42 -4.26
C VAL A 64 -21.37 -0.66 -4.83
N GLN A 65 -22.04 -1.73 -4.44
CA GLN A 65 -23.36 -2.04 -4.98
C GLN A 65 -24.28 -0.84 -4.81
N GLY A 66 -25.04 -0.51 -5.86
CA GLY A 66 -25.95 0.60 -5.82
C GLY A 66 -25.35 1.96 -6.08
N ARG A 67 -24.02 2.08 -6.10
CA ARG A 67 -23.37 3.35 -6.38
C ARG A 67 -22.53 3.34 -7.64
N PHE A 68 -22.04 2.18 -8.06
CA PHE A 68 -21.19 2.06 -9.23
C PHE A 68 -21.96 1.34 -10.32
N ILE A 69 -21.68 1.69 -11.58
CA ILE A 69 -22.28 1.04 -12.74
C ILE A 69 -21.18 0.71 -13.73
N ILE A 70 -21.12 -0.55 -14.15
CA ILE A 70 -20.13 -0.97 -15.13
C ILE A 70 -20.85 -1.12 -16.46
N SER A 71 -20.19 -0.70 -17.54
CA SER A 71 -20.77 -0.82 -18.86
C SER A 71 -19.66 -1.01 -19.86
N ARG A 72 -20.04 -1.38 -21.07
CA ARG A 72 -19.05 -1.55 -22.12
C ARG A 72 -19.65 -1.14 -23.45
N ASP A 73 -18.77 -0.74 -24.36
CA ASP A 73 -19.09 -0.37 -25.73
C ASP A 73 -18.23 -1.25 -26.61
N ASN A 74 -18.80 -2.34 -27.12
CA ASN A 74 -17.99 -3.24 -27.93
C ASN A 74 -17.68 -2.68 -29.31
N HIS A 75 -18.27 -1.55 -29.68
CA HIS A 75 -17.99 -0.93 -30.96
C HIS A 75 -16.75 -0.05 -30.88
N LYS A 76 -16.62 0.72 -29.82
CA LYS A 76 -15.41 1.51 -29.55
C LYS A 76 -14.38 0.78 -28.69
N ASN A 77 -14.68 -0.45 -28.25
CA ASN A 77 -13.74 -1.23 -27.43
C ASN A 77 -13.36 -0.47 -26.16
N THR A 78 -14.37 -0.07 -25.40
CA THR A 78 -14.15 0.64 -24.15
C THR A 78 -14.93 -0.04 -23.03
N LEU A 79 -14.35 -0.01 -21.84
CA LEU A 79 -15.03 -0.36 -20.60
C LEU A 79 -15.22 0.94 -19.83
N SER A 80 -16.30 1.04 -19.05
CA SER A 80 -16.42 2.23 -18.23
C SER A 80 -16.95 1.86 -16.85
N LEU A 81 -16.63 2.73 -15.90
CA LEU A 81 -17.11 2.65 -14.53
C LEU A 81 -17.69 4.01 -14.16
N GLN A 82 -19.00 4.07 -13.96
CA GLN A 82 -19.66 5.25 -13.40
C GLN A 82 -19.72 5.08 -11.89
N MET A 83 -19.15 6.03 -11.17
CA MET A 83 -19.02 5.95 -9.71
C MET A 83 -19.79 7.11 -9.13
N ASN A 84 -20.93 6.82 -8.50
CA ASN A 84 -21.79 7.84 -7.90
C ASN A 84 -21.68 7.80 -6.38
N GLY A 85 -21.84 8.97 -5.75
CA GLY A 85 -21.81 9.04 -4.30
C GLY A 85 -20.47 8.63 -3.71
N LEU A 86 -19.39 9.16 -4.27
CA LEU A 86 -18.06 8.72 -3.89
C LEU A 86 -17.74 9.09 -2.45
N ARG A 87 -17.13 8.14 -1.74
CA ARG A 87 -16.70 8.29 -0.36
C ARG A 87 -15.18 8.38 -0.29
N ALA A 88 -14.68 8.81 0.88
CA ALA A 88 -13.24 8.90 1.06
C ALA A 88 -12.56 7.55 0.87
N GLU A 89 -13.23 6.48 1.28
CA GLU A 89 -12.73 5.11 1.23
C GLU A 89 -12.74 4.49 -0.17
N ASP A 90 -13.26 5.18 -1.19
CA ASP A 90 -13.09 4.77 -2.57
C ASP A 90 -11.80 5.30 -3.19
N THR A 91 -11.01 6.06 -2.42
CA THR A 91 -9.70 6.50 -2.89
C THR A 91 -8.84 5.28 -3.17
N ALA A 92 -8.33 5.19 -4.39
CA ALA A 92 -7.60 4.01 -4.83
C ALA A 92 -7.12 4.26 -6.25
N VAL A 93 -6.17 3.43 -6.67
CA VAL A 93 -5.90 3.21 -8.08
C VAL A 93 -6.93 2.23 -8.60
N TYR A 94 -7.54 2.55 -9.73
CA TYR A 94 -8.54 1.71 -10.37
C TYR A 94 -7.92 1.09 -11.61
N PHE A 95 -7.96 -0.24 -11.68
CA PHE A 95 -7.40 -0.99 -12.79
C PHE A 95 -8.55 -1.56 -13.62
N CYS A 96 -8.43 -1.40 -14.92
CA CYS A 96 -9.21 -2.16 -15.88
C CYS A 96 -8.51 -3.48 -16.15
N VAL A 97 -9.27 -4.58 -16.19
CA VAL A 97 -8.70 -5.93 -16.09
C VAL A 97 -9.47 -6.85 -17.01
N ARG A 98 -8.75 -7.60 -17.83
CA ARG A 98 -9.36 -8.62 -18.68
C ARG A 98 -9.23 -9.99 -18.02
N VAL A 99 -10.28 -10.83 -18.16
CA VAL A 99 -10.19 -12.21 -17.68
C VAL A 99 -9.40 -13.04 -18.68
N ARG A 100 -8.60 -13.97 -18.17
CA ARG A 100 -7.95 -14.89 -19.09
C ARG A 100 -9.01 -15.66 -19.84
N PHE A 101 -8.86 -15.75 -21.16
CA PHE A 101 -9.84 -16.48 -21.95
C PHE A 101 -9.91 -17.95 -21.53
N SER A 102 -11.12 -18.51 -21.55
CA SER A 102 -11.28 -19.94 -21.28
C SER A 102 -12.52 -20.46 -22.01
N VAL A 103 -12.54 -21.78 -22.21
CA VAL A 103 -13.70 -22.49 -22.71
C VAL A 103 -14.26 -23.35 -21.57
N GLY A 104 -15.44 -23.92 -21.80
CA GLY A 104 -16.12 -24.62 -20.74
C GLY A 104 -16.80 -23.66 -19.79
N PRO A 105 -17.26 -24.17 -18.64
CA PRO A 105 -18.25 -23.44 -17.84
C PRO A 105 -17.73 -22.38 -16.89
N HIS A 106 -16.43 -22.26 -16.66
CA HIS A 106 -15.95 -21.43 -15.58
C HIS A 106 -15.11 -20.27 -16.08
N GLY A 107 -15.10 -19.18 -15.31
CA GLY A 107 -14.20 -18.07 -15.54
C GLY A 107 -12.78 -18.45 -15.19
N SER A 108 -11.88 -17.47 -15.27
CA SER A 108 -10.46 -17.79 -15.11
C SER A 108 -9.78 -16.64 -14.37
N ALA A 109 -8.44 -16.66 -14.36
CA ALA A 109 -7.68 -15.65 -13.65
C ALA A 109 -7.74 -14.34 -14.43
N PHE A 110 -7.00 -13.31 -13.96
CA PHE A 110 -6.94 -12.00 -14.61
C PHE A 110 -5.59 -11.89 -15.35
N ASP A 111 -5.62 -11.96 -16.67
CA ASP A 111 -4.38 -12.10 -17.42
C ASP A 111 -3.87 -10.79 -18.01
N LEU A 112 -4.67 -9.73 -18.01
CA LEU A 112 -4.18 -8.48 -18.59
C LEU A 112 -4.74 -7.32 -17.79
N TRP A 113 -3.85 -6.42 -17.37
CA TRP A 113 -4.20 -5.30 -16.52
C TRP A 113 -3.77 -4.00 -17.16
N GLY A 114 -4.54 -2.93 -16.93
CA GLY A 114 -4.08 -1.59 -17.23
C GLY A 114 -3.05 -1.12 -16.19
N GLN A 115 -2.47 0.05 -16.46
CA GLN A 115 -1.57 0.69 -15.51
C GLN A 115 -2.32 1.34 -14.36
N GLY A 116 -3.62 1.52 -14.47
CA GLY A 116 -4.35 2.09 -13.35
C GLY A 116 -4.51 3.59 -13.45
N THR A 117 -5.63 4.08 -12.92
CA THR A 117 -5.87 5.51 -12.81
C THR A 117 -6.28 5.82 -11.38
N MET A 118 -5.69 6.87 -10.81
CA MET A 118 -5.86 7.20 -9.41
C MET A 118 -7.07 8.10 -9.24
N VAL A 119 -7.98 7.76 -8.32
CA VAL A 119 -9.04 8.67 -7.92
C VAL A 119 -8.88 8.98 -6.45
N ILE A 120 -8.83 10.27 -6.13
CA ILE A 120 -8.66 10.77 -4.77
C ILE A 120 -9.95 11.44 -4.37
N VAL A 121 -10.66 10.87 -3.40
CA VAL A 121 -11.88 11.51 -2.91
C VAL A 121 -11.52 12.34 -1.70
N SER A 122 -11.45 13.66 -1.89
CA SER A 122 -11.13 14.58 -0.81
C SER A 122 -11.81 15.92 -1.05
N SER A 123 -12.44 16.45 0.00
CA SER A 123 -13.03 17.77 -0.06
C SER A 123 -12.02 18.89 0.13
N ALA A 124 -10.72 18.62 0.04
CA ALA A 124 -9.72 19.61 0.42
C ALA A 124 -9.38 20.54 -0.74
N SER A 125 -8.87 21.72 -0.38
CA SER A 125 -8.28 22.68 -1.30
C SER A 125 -6.76 22.60 -1.21
N THR A 126 -6.08 23.22 -2.17
CA THR A 126 -4.62 23.26 -2.14
C THR A 126 -4.14 23.94 -0.85
N LYS A 127 -3.09 23.37 -0.26
CA LYS A 127 -2.60 23.86 1.03
C LYS A 127 -1.19 23.33 1.23
N GLY A 128 -0.25 24.25 1.49
CA GLY A 128 1.11 23.87 1.80
C GLY A 128 1.25 23.21 3.16
N PRO A 129 2.33 22.46 3.36
CA PRO A 129 2.47 21.67 4.58
C PRO A 129 3.01 22.48 5.76
N SER A 130 2.77 21.94 6.94
CA SER A 130 3.49 22.31 8.14
C SER A 130 4.60 21.27 8.37
N VAL A 131 5.77 21.74 8.80
CA VAL A 131 6.90 20.85 9.03
C VAL A 131 7.26 20.92 10.51
N PHE A 132 7.30 19.75 11.14
CA PHE A 132 7.61 19.64 12.54
C PHE A 132 8.79 18.72 12.75
N PRO A 133 9.69 19.06 13.65
CA PRO A 133 10.88 18.24 13.85
C PRO A 133 10.54 16.91 14.49
N LEU A 134 11.26 15.88 14.09
CA LEU A 134 11.31 14.62 14.82
C LEU A 134 12.72 14.61 15.42
N ALA A 135 12.83 15.15 16.65
CA ALA A 135 14.12 15.53 17.22
C ALA A 135 14.89 14.32 17.73
N PRO A 136 16.19 14.21 17.47
CA PRO A 136 16.98 13.10 18.01
C PRO A 136 17.30 13.35 19.47
N SER A 137 17.81 12.30 20.13
CA SER A 137 18.19 12.38 21.54
C SER A 137 19.39 11.48 21.78
N SER A 138 19.65 11.18 23.05
CA SER A 138 20.76 10.30 23.43
C SER A 138 20.29 9.23 24.41
N THR A 141 18.40 6.08 20.58
CA THR A 141 19.85 6.17 20.69
C THR A 141 20.48 4.81 20.42
N SER A 142 19.61 3.83 20.17
CA SER A 142 19.92 2.40 20.21
C SER A 142 19.67 1.78 18.83
N GLY A 143 20.66 1.03 18.33
CA GLY A 143 20.60 0.39 17.02
C GLY A 143 21.87 0.60 16.21
N GLY A 144 22.92 1.10 16.86
CA GLY A 144 24.14 1.51 16.21
C GLY A 144 24.16 2.94 15.72
N THR A 145 23.07 3.68 15.90
CA THR A 145 22.93 5.00 15.28
C THR A 145 21.88 5.80 16.04
N ALA A 146 21.88 7.10 15.80
CA ALA A 146 20.78 7.99 16.20
C ALA A 146 19.81 8.15 15.03
N ALA A 147 18.64 8.73 15.31
CA ALA A 147 17.63 8.93 14.27
C ALA A 147 16.92 10.27 14.46
N LEU A 148 16.68 10.96 13.33
CA LEU A 148 15.97 12.22 13.34
C LEU A 148 15.16 12.31 12.06
N GLY A 149 14.26 13.30 12.02
CA GLY A 149 13.42 13.42 10.84
C GLY A 149 12.60 14.70 10.84
N CYS A 150 11.77 14.82 9.80
CA CYS A 150 10.79 15.88 9.67
C CYS A 150 9.44 15.26 9.44
N LEU A 151 8.42 15.79 10.11
CA LEU A 151 7.03 15.39 9.92
C LEU A 151 6.35 16.44 9.06
N VAL A 152 5.91 16.04 7.86
CA VAL A 152 5.41 16.97 6.86
C VAL A 152 3.90 16.76 6.80
N LYS A 153 3.13 17.61 7.46
CA LYS A 153 1.74 17.29 7.74
C LYS A 153 0.78 18.27 7.04
N ASP A 154 -0.38 17.72 6.63
CA ASP A 154 -1.54 18.50 6.21
C ASP A 154 -1.25 19.35 4.97
N TYR A 155 -0.96 18.66 3.86
CA TYR A 155 -0.81 19.33 2.58
C TYR A 155 -1.71 18.67 1.55
N PHE A 156 -1.92 19.38 0.43
CA PHE A 156 -2.75 18.88 -0.65
C PHE A 156 -2.51 19.72 -1.89
N PRO A 157 -2.46 19.12 -3.08
CA PRO A 157 -2.42 17.68 -3.35
C PRO A 157 -0.98 17.21 -3.28
N GLU A 158 -0.73 15.99 -3.73
CA GLU A 158 0.60 15.50 -3.94
C GLU A 158 1.26 16.25 -5.10
N PRO A 159 2.60 16.28 -5.15
CA PRO A 159 3.55 15.71 -4.20
C PRO A 159 4.30 16.78 -3.39
N VAL A 160 4.99 16.36 -2.34
CA VAL A 160 6.10 17.14 -1.81
C VAL A 160 7.37 16.39 -2.15
N THR A 161 8.47 17.14 -2.26
CA THR A 161 9.80 16.56 -2.37
C THR A 161 10.57 16.91 -1.11
N VAL A 162 11.37 15.96 -0.61
CA VAL A 162 12.12 16.18 0.62
C VAL A 162 13.60 15.93 0.35
N SER A 163 14.42 16.93 0.63
CA SER A 163 15.86 16.76 0.61
C SER A 163 16.40 17.06 2.00
N TRP A 164 17.69 16.78 2.18
CA TRP A 164 18.36 17.00 3.44
C TRP A 164 19.67 17.73 3.17
N ASN A 165 19.92 18.79 3.95
CA ASN A 165 21.07 19.66 3.76
C ASN A 165 21.21 20.08 2.30
N SER A 166 20.08 20.39 1.68
CA SER A 166 20.03 20.87 0.29
C SER A 166 20.61 19.85 -0.67
N GLY A 167 20.40 18.56 -0.38
CA GLY A 167 20.88 17.48 -1.20
C GLY A 167 22.24 16.94 -0.79
N ALA A 168 22.93 17.60 0.13
CA ALA A 168 24.26 17.15 0.57
C ALA A 168 24.18 15.86 1.39
N LEU A 169 23.13 15.68 2.19
CA LEU A 169 22.97 14.48 3.02
C LEU A 169 21.99 13.52 2.34
N THR A 170 22.50 12.38 1.91
CA THR A 170 21.73 11.40 1.15
C THR A 170 21.74 10.01 1.76
N SER A 171 22.86 9.58 2.35
CA SER A 171 22.97 8.25 2.92
C SER A 171 22.31 8.20 4.29
N GLY A 172 21.48 7.18 4.50
CA GLY A 172 20.66 7.07 5.69
C GLY A 172 19.28 7.68 5.57
N VAL A 173 18.97 8.29 4.43
CA VAL A 173 17.72 9.04 4.27
C VAL A 173 16.62 8.11 3.81
N HIS A 174 15.52 8.07 4.57
CA HIS A 174 14.30 7.36 4.17
C HIS A 174 13.12 8.31 4.23
N THR A 175 12.48 8.56 3.08
CA THR A 175 11.29 9.39 2.99
C THR A 175 10.09 8.50 2.65
N PHE A 176 9.07 8.54 3.49
CA PHE A 176 7.95 7.61 3.35
C PHE A 176 6.94 8.08 2.31
N PRO A 177 6.16 7.14 1.76
CA PRO A 177 5.02 7.55 0.94
C PRO A 177 4.04 8.38 1.75
N ALA A 178 3.37 9.29 1.08
CA ALA A 178 2.31 10.05 1.71
C ALA A 178 1.12 9.16 2.01
N VAL A 179 0.46 9.43 3.14
CA VAL A 179 -0.83 8.81 3.45
C VAL A 179 -1.90 9.89 3.44
N LEU A 180 -3.08 9.54 2.91
CA LEU A 180 -4.22 10.44 2.93
C LEU A 180 -4.93 10.26 4.26
N GLN A 181 -4.91 11.30 5.09
CA GLN A 181 -5.54 11.26 6.40
C GLN A 181 -7.06 11.35 6.26
N SER A 182 -7.77 11.04 7.35
CA SER A 182 -9.22 11.21 7.33
C SER A 182 -9.61 12.64 7.02
N SER A 183 -8.78 13.60 7.40
CA SER A 183 -9.02 15.01 7.12
C SER A 183 -9.06 15.34 5.63
N GLY A 184 -8.65 14.41 4.77
CA GLY A 184 -8.56 14.68 3.35
C GLY A 184 -7.26 15.32 2.94
N LEU A 185 -6.33 15.47 3.85
CA LEU A 185 -5.02 16.05 3.61
C LEU A 185 -3.95 14.97 3.73
N TYR A 186 -2.85 15.16 3.01
CA TYR A 186 -1.74 14.21 3.06
C TYR A 186 -0.79 14.52 4.20
N SER A 187 -0.05 13.51 4.62
CA SER A 187 1.11 13.70 5.46
C SER A 187 2.11 12.58 5.24
N LEU A 188 3.38 12.89 5.46
CA LEU A 188 4.44 11.89 5.39
C LEU A 188 5.54 12.35 6.32
N SER A 189 6.53 11.48 6.51
CA SER A 189 7.73 11.79 7.26
C SER A 189 8.96 11.46 6.41
N SER A 190 10.03 12.21 6.63
CA SER A 190 11.35 11.88 6.12
C SER A 190 12.27 11.73 7.32
N VAL A 191 12.96 10.59 7.41
CA VAL A 191 13.84 10.33 8.53
C VAL A 191 15.24 10.04 8.00
N VAL A 192 16.24 10.21 8.86
CA VAL A 192 17.61 9.85 8.54
C VAL A 192 18.28 9.32 9.79
N THR A 193 19.12 8.32 9.62
CA THR A 193 19.93 7.75 10.70
C THR A 193 21.34 8.32 10.63
N VAL A 194 21.78 8.98 11.71
CA VAL A 194 23.07 9.68 11.72
C VAL A 194 23.88 9.22 12.92
N PRO A 195 25.22 9.38 12.87
CA PRO A 195 26.04 9.04 14.03
C PRO A 195 25.67 9.89 15.24
N SER A 196 25.69 9.28 16.41
CA SER A 196 25.21 9.96 17.60
C SER A 196 26.15 11.08 18.04
N SER A 197 27.45 10.95 17.73
CA SER A 197 28.42 11.94 18.18
C SER A 197 28.27 13.27 17.44
N SER A 198 27.74 13.25 16.21
CA SER A 198 27.64 14.45 15.38
C SER A 198 26.44 15.32 15.74
N LEU A 199 25.68 14.96 16.76
CA LEU A 199 24.51 15.73 17.16
C LEU A 199 24.87 17.16 17.54
N GLY A 200 26.05 17.37 18.12
CA GLY A 200 26.47 18.72 18.45
C GLY A 200 27.22 19.43 17.35
N THR A 201 27.59 18.72 16.28
CA THR A 201 28.51 19.24 15.28
C THR A 201 27.83 19.46 13.92
N GLN A 202 27.23 18.42 13.34
CA GLN A 202 26.63 18.53 12.02
C GLN A 202 25.18 18.96 12.19
N THR A 203 24.84 20.16 11.74
CA THR A 203 23.47 20.64 11.79
C THR A 203 22.66 20.01 10.65
N TYR A 204 21.41 19.69 10.94
CA TYR A 204 20.56 18.95 10.02
C TYR A 204 19.34 19.79 9.65
N ILE A 205 19.06 19.90 8.36
CA ILE A 205 17.97 20.71 7.82
C ILE A 205 17.24 19.92 6.75
N CYS A 206 15.96 19.68 6.94
CA CYS A 206 15.17 19.07 5.87
C CYS A 206 14.56 20.18 5.01
N ASN A 207 14.50 19.94 3.71
CA ASN A 207 13.95 20.90 2.76
C ASN A 207 12.71 20.28 2.15
N VAL A 208 11.56 20.93 2.34
CA VAL A 208 10.29 20.46 1.81
C VAL A 208 9.81 21.47 0.79
N ASN A 209 9.64 21.02 -0.46
CA ASN A 209 9.15 21.85 -1.54
C ASN A 209 7.79 21.31 -1.95
N HIS A 210 6.77 22.16 -1.88
CA HIS A 210 5.41 21.79 -2.26
C HIS A 210 5.05 22.64 -3.48
N LYS A 211 5.35 22.11 -4.67
CA LYS A 211 5.08 22.79 -5.92
C LYS A 211 3.65 23.32 -6.03
N PRO A 212 2.59 22.55 -5.72
CA PRO A 212 1.24 23.09 -5.94
C PRO A 212 0.96 24.40 -5.24
N SER A 213 1.40 24.56 -3.99
CA SER A 213 1.10 25.76 -3.23
C SER A 213 2.24 26.77 -3.24
N ASN A 214 3.27 26.53 -4.06
CA ASN A 214 4.43 27.42 -4.19
C ASN A 214 5.07 27.71 -2.83
N THR A 215 5.15 26.68 -2.00
CA THR A 215 5.67 26.77 -0.64
C THR A 215 6.93 25.92 -0.53
N LYS A 216 7.96 26.48 0.10
CA LYS A 216 9.15 25.74 0.47
C LYS A 216 9.37 25.96 1.96
N VAL A 217 9.55 24.88 2.72
CA VAL A 217 9.89 24.95 4.14
C VAL A 217 11.26 24.33 4.34
N ASP A 218 12.14 25.05 5.03
CA ASP A 218 13.41 24.51 5.50
C ASP A 218 13.34 24.45 7.02
N LYS A 219 13.50 23.26 7.59
CA LYS A 219 13.43 23.10 9.05
C LYS A 219 14.73 22.53 9.58
N LYS A 220 15.35 23.23 10.52
CA LYS A 220 16.53 22.74 11.21
C LYS A 220 16.10 21.83 12.36
N VAL A 221 16.57 20.58 12.33
CA VAL A 221 16.19 19.56 13.30
C VAL A 221 17.35 19.42 14.29
N GLU A 222 17.12 19.86 15.52
CA GLU A 222 18.18 19.72 16.51
C GLU A 222 17.63 19.10 17.78
N PRO A 223 18.49 18.41 18.56
CA PRO A 223 18.01 17.64 19.71
C PRO A 223 17.40 18.49 20.82
N LYS A 224 16.86 17.83 21.83
CA LYS A 224 16.17 18.47 22.95
C LYS A 224 17.01 18.33 24.23
N SER A 225 16.49 18.88 25.31
CA SER A 225 17.14 18.79 26.63
C SER A 225 16.16 19.09 27.76
N VAL B 2 -15.31 -15.70 0.70
CA VAL B 2 -14.08 -16.47 0.87
C VAL B 2 -12.92 -15.55 1.23
N GLN B 3 -12.43 -15.67 2.46
CA GLN B 3 -11.27 -14.91 2.90
C GLN B 3 -10.00 -15.68 2.52
N MET B 4 -9.03 -14.97 1.93
CA MET B 4 -7.75 -15.55 1.58
C MET B 4 -6.70 -15.04 2.55
N THR B 5 -5.93 -15.97 3.11
CA THR B 5 -4.93 -15.64 4.12
C THR B 5 -3.55 -15.97 3.56
N GLN B 6 -2.65 -15.01 3.61
CA GLN B 6 -1.26 -15.20 3.23
C GLN B 6 -0.40 -14.90 4.45
N SER B 7 0.37 -15.90 4.89
CA SER B 7 1.33 -15.75 5.96
C SER B 7 2.66 -16.32 5.51
N PRO B 8 3.77 -15.63 5.79
CA PRO B 8 3.86 -14.32 6.47
C PRO B 8 3.51 -13.18 5.53
N SER B 9 3.35 -11.97 6.06
CA SER B 9 3.09 -10.82 5.19
C SER B 9 4.35 -10.37 4.47
N THR B 10 5.53 -10.62 5.03
CA THR B 10 6.78 -10.25 4.38
C THR B 10 7.87 -11.23 4.77
N LEU B 11 8.90 -11.31 3.93
CA LEU B 11 9.85 -12.42 3.98
C LEU B 11 11.17 -11.98 3.35
N SER B 12 12.27 -12.12 4.07
CA SER B 12 13.57 -11.78 3.52
C SER B 12 14.18 -13.01 2.85
N ALA B 13 14.84 -12.78 1.72
CA ALA B 13 15.54 -13.85 1.02
C ALA B 13 16.63 -13.22 0.18
N SER B 14 17.57 -14.04 -0.26
CA SER B 14 18.66 -13.62 -1.12
C SER B 14 18.49 -14.24 -2.50
N VAL B 15 19.07 -13.60 -3.50
CA VAL B 15 19.17 -14.20 -4.82
C VAL B 15 19.71 -15.61 -4.68
N GLY B 16 19.03 -16.56 -5.29
CA GLY B 16 19.39 -17.96 -5.23
C GLY B 16 18.56 -18.79 -4.27
N ASP B 17 17.93 -18.19 -3.27
CA ASP B 17 17.17 -18.95 -2.31
C ASP B 17 15.96 -19.60 -2.96
N ARG B 18 15.58 -20.74 -2.42
CA ARG B 18 14.27 -21.30 -2.71
C ARG B 18 13.26 -20.60 -1.80
N VAL B 19 12.13 -20.17 -2.36
CA VAL B 19 11.12 -19.41 -1.63
C VAL B 19 9.78 -20.13 -1.80
N THR B 20 9.08 -20.34 -0.69
CA THR B 20 7.76 -20.95 -0.72
C THR B 20 6.79 -20.03 0.00
N LEU B 21 5.72 -19.66 -0.69
CA LEU B 21 4.68 -18.79 -0.16
C LEU B 21 3.40 -19.60 -0.01
N THR B 22 2.67 -19.38 1.07
CA THR B 22 1.50 -20.17 1.37
C THR B 22 0.24 -19.31 1.32
N CYS B 23 -0.86 -19.93 0.90
CA CYS B 23 -2.12 -19.21 0.78
C CYS B 23 -3.25 -20.13 1.24
N ARG B 24 -3.97 -19.73 2.29
CA ARG B 24 -5.05 -20.54 2.82
C ARG B 24 -6.39 -19.90 2.51
N ALA B 25 -7.35 -20.70 2.08
CA ALA B 25 -8.70 -20.26 1.76
C ALA B 25 -9.68 -20.74 2.82
N SER B 26 -10.57 -19.85 3.28
CA SER B 26 -11.49 -20.10 4.39
C SER B 26 -12.58 -21.13 4.06
N GLN B 27 -12.74 -21.50 2.79
CA GLN B 27 -13.59 -22.61 2.36
C GLN B 27 -12.95 -23.25 1.15
N SER B 28 -13.35 -24.48 0.83
CA SER B 28 -12.83 -25.14 -0.36
C SER B 28 -13.08 -24.29 -1.59
N ILE B 29 -12.05 -24.17 -2.45
CA ILE B 29 -12.21 -23.40 -3.68
C ILE B 29 -11.74 -24.26 -4.84
N SER B 30 -11.69 -25.58 -4.61
CA SER B 30 -11.16 -26.51 -5.60
C SER B 30 -9.79 -26.00 -6.05
N SER B 31 -9.63 -25.77 -7.36
CA SER B 31 -8.37 -25.33 -7.93
C SER B 31 -8.45 -23.91 -8.51
N TRP B 32 -9.47 -23.13 -8.13
CA TRP B 32 -9.76 -21.84 -8.74
C TRP B 32 -8.96 -20.76 -8.03
N LEU B 33 -7.65 -20.83 -8.20
CA LEU B 33 -6.70 -20.05 -7.43
C LEU B 33 -5.65 -19.50 -8.38
N ALA B 34 -5.32 -18.24 -8.23
CA ALA B 34 -4.31 -17.65 -9.10
C ALA B 34 -3.32 -16.89 -8.24
N TRP B 35 -2.09 -16.81 -8.73
CA TRP B 35 -1.00 -16.08 -8.10
C TRP B 35 -0.55 -14.94 -9.02
N TYR B 36 -0.34 -13.77 -8.43
CA TYR B 36 0.17 -12.61 -9.15
C TYR B 36 1.42 -12.09 -8.47
N GLN B 37 2.31 -11.47 -9.27
CA GLN B 37 3.44 -10.68 -8.79
C GLN B 37 3.16 -9.20 -9.03
N GLN B 38 3.49 -8.35 -8.05
CA GLN B 38 3.34 -6.92 -8.24
C GLN B 38 4.54 -6.18 -7.71
N LYS B 39 5.09 -5.29 -8.52
CA LYS B 39 6.15 -4.39 -8.13
C LYS B 39 5.61 -2.97 -7.93
N PRO B 40 6.35 -2.12 -7.21
CA PRO B 40 5.80 -0.80 -6.86
C PRO B 40 5.47 0.03 -8.10
N GLY B 41 4.29 0.64 -8.09
CA GLY B 41 3.89 1.51 -9.17
C GLY B 41 3.44 0.82 -10.45
N LYS B 42 3.32 -0.50 -10.44
CA LYS B 42 2.99 -1.25 -11.64
C LYS B 42 1.77 -2.12 -11.36
N ALA B 43 1.13 -2.59 -12.44
CA ALA B 43 -0.01 -3.49 -12.30
C ALA B 43 0.45 -4.90 -11.90
N PRO B 44 -0.38 -5.65 -11.20
CA PRO B 44 -0.06 -7.06 -10.97
C PRO B 44 0.09 -7.81 -12.27
N LYS B 45 0.94 -8.84 -12.25
CA LYS B 45 1.20 -9.71 -13.39
C LYS B 45 0.81 -11.13 -13.02
N LEU B 46 0.06 -11.80 -13.89
CA LEU B 46 -0.37 -13.18 -13.64
C LEU B 46 0.80 -14.16 -13.78
N LEU B 47 1.01 -14.98 -12.76
CA LEU B 47 2.05 -16.03 -12.77
C LEU B 47 1.47 -17.42 -12.97
N ILE B 48 0.46 -17.77 -12.18
CA ILE B 48 -0.08 -19.12 -12.15
C ILE B 48 -1.59 -19.01 -12.07
N TYR B 49 -2.28 -19.86 -12.84
CA TYR B 49 -3.74 -19.95 -12.80
C TYR B 49 -4.15 -21.40 -12.59
N ASP B 50 -5.38 -21.59 -12.14
CA ASP B 50 -5.89 -22.94 -11.89
C ASP B 50 -4.95 -23.69 -10.95
N ALA B 51 -4.35 -22.93 -10.02
CA ALA B 51 -3.50 -23.32 -8.89
C ALA B 51 -2.15 -23.90 -9.28
N SER B 52 -2.01 -24.39 -10.51
CA SER B 52 -0.74 -25.00 -10.90
C SER B 52 -0.40 -24.84 -12.37
N SER B 53 -1.22 -24.17 -13.17
CA SER B 53 -0.88 -23.95 -14.57
C SER B 53 -0.05 -22.67 -14.65
N LEU B 54 1.06 -22.74 -15.38
CA LEU B 54 1.97 -21.62 -15.58
C LEU B 54 1.47 -20.74 -16.70
N GLU B 55 1.36 -19.44 -16.45
CA GLU B 55 0.94 -18.50 -17.48
C GLU B 55 1.99 -18.42 -18.59
N SER B 56 1.53 -18.15 -19.81
CA SER B 56 2.41 -18.05 -20.95
C SER B 56 3.52 -17.03 -20.73
N GLY B 57 4.74 -17.42 -21.04
CA GLY B 57 5.87 -16.51 -20.91
C GLY B 57 6.43 -16.34 -19.51
N VAL B 58 5.85 -16.98 -18.51
CA VAL B 58 6.36 -16.90 -17.14
C VAL B 58 7.47 -17.93 -16.96
N PRO B 59 8.61 -17.56 -16.38
CA PRO B 59 9.74 -18.50 -16.34
C PRO B 59 9.48 -19.69 -15.42
N SER B 60 10.22 -20.77 -15.68
CA SER B 60 9.89 -22.08 -15.12
C SER B 60 10.26 -22.22 -13.64
N ARG B 61 11.03 -21.29 -13.07
CA ARG B 61 11.29 -21.37 -11.63
C ARG B 61 10.05 -21.13 -10.79
N PHE B 62 8.95 -20.67 -11.40
CA PHE B 62 7.69 -20.46 -10.72
C PHE B 62 6.79 -21.68 -10.89
N SER B 63 6.22 -22.15 -9.78
CA SER B 63 5.36 -23.32 -9.82
C SER B 63 4.38 -23.19 -8.66
N GLY B 64 3.20 -23.75 -8.86
CA GLY B 64 2.16 -23.66 -7.85
C GLY B 64 1.58 -25.04 -7.64
N SER B 65 1.05 -25.24 -6.44
CA SER B 65 0.44 -26.51 -6.10
C SER B 65 -0.67 -26.26 -5.10
N GLY B 66 -1.50 -27.28 -4.90
CA GLY B 66 -2.55 -27.17 -3.92
C GLY B 66 -3.93 -27.37 -4.48
N SER B 67 -4.86 -27.73 -3.58
CA SER B 67 -6.28 -27.84 -3.86
C SER B 67 -7.02 -27.63 -2.55
N GLY B 68 -8.31 -27.35 -2.66
CA GLY B 68 -9.11 -27.22 -1.47
C GLY B 68 -8.91 -25.90 -0.76
N THR B 69 -8.18 -25.92 0.33
CA THR B 69 -7.96 -24.73 1.14
C THR B 69 -6.49 -24.34 1.26
N GLU B 70 -5.57 -25.16 0.74
CA GLU B 70 -4.13 -24.99 0.98
C GLU B 70 -3.40 -24.89 -0.34
N PHE B 71 -2.73 -23.76 -0.58
CA PHE B 71 -1.98 -23.60 -1.81
C PHE B 71 -0.62 -23.00 -1.50
N THR B 72 0.34 -23.30 -2.38
CA THR B 72 1.66 -22.72 -2.26
C THR B 72 2.16 -22.29 -3.62
N LEU B 73 2.99 -21.26 -3.62
CA LEU B 73 3.75 -20.82 -4.78
C LEU B 73 5.21 -20.99 -4.44
N THR B 74 5.96 -21.65 -5.31
CA THR B 74 7.37 -21.92 -5.07
C THR B 74 8.20 -21.21 -6.13
N ILE B 75 9.24 -20.51 -5.70
CA ILE B 75 10.30 -20.04 -6.58
C ILE B 75 11.52 -20.91 -6.29
N SER B 76 11.91 -21.74 -7.26
CA SER B 76 12.94 -22.74 -7.01
C SER B 76 14.27 -22.11 -6.64
N SER B 77 14.62 -21.01 -7.29
CA SER B 77 15.86 -20.27 -7.05
C SER B 77 15.58 -18.83 -7.45
N LEU B 78 15.53 -17.94 -6.46
CA LEU B 78 15.11 -16.56 -6.69
C LEU B 78 16.11 -15.82 -7.56
N GLN B 79 15.61 -15.01 -8.48
CA GLN B 79 16.43 -14.17 -9.33
C GLN B 79 16.26 -12.70 -8.94
N PRO B 80 17.17 -11.82 -9.37
CA PRO B 80 17.10 -10.41 -8.92
C PRO B 80 15.82 -9.67 -9.26
N ASP B 81 15.08 -10.06 -10.29
CA ASP B 81 13.83 -9.35 -10.59
C ASP B 81 12.61 -9.98 -9.90
N ASP B 82 12.82 -10.88 -8.95
CA ASP B 82 11.72 -11.55 -8.25
C ASP B 82 11.36 -10.91 -6.91
N PHE B 83 12.10 -9.90 -6.47
CA PHE B 83 11.68 -9.18 -5.29
C PHE B 83 10.44 -8.36 -5.62
N ALA B 84 9.34 -8.62 -4.90
CA ALA B 84 8.03 -8.12 -5.29
C ALA B 84 7.00 -8.54 -4.26
N THR B 85 5.76 -8.13 -4.46
CA THR B 85 4.66 -8.63 -3.65
C THR B 85 3.90 -9.66 -4.47
N TYR B 86 3.60 -10.79 -3.84
CA TYR B 86 2.92 -11.91 -4.46
C TYR B 86 1.55 -12.07 -3.81
N TYR B 87 0.50 -12.04 -4.63
CA TYR B 87 -0.87 -12.15 -4.16
C TYR B 87 -1.47 -13.45 -4.70
N CYS B 88 -2.25 -14.14 -3.87
CA CYS B 88 -3.13 -15.20 -4.33
C CYS B 88 -4.56 -14.65 -4.38
N GLN B 89 -5.38 -15.27 -5.22
CA GLN B 89 -6.73 -14.79 -5.47
C GLN B 89 -7.62 -15.97 -5.85
N GLN B 90 -8.80 -16.05 -5.22
CA GLN B 90 -9.76 -17.10 -5.53
C GLN B 90 -10.80 -16.57 -6.51
N TYR B 91 -11.22 -17.43 -7.44
CA TYR B 91 -12.32 -17.17 -8.37
C TYR B 91 -13.26 -18.39 -8.41
N ASN B 92 -13.67 -18.83 -7.22
CA ASN B 92 -14.48 -20.05 -7.08
C ASN B 92 -15.95 -19.76 -7.39
N SER B 93 -16.67 -20.80 -7.85
CA SER B 93 -18.11 -20.72 -8.11
C SER B 93 -18.84 -20.02 -6.98
N TYR B 94 -19.73 -19.09 -7.34
CA TYR B 94 -20.55 -18.32 -6.39
C TYR B 94 -19.74 -17.58 -5.33
N SER B 95 -18.43 -17.37 -5.55
CA SER B 95 -17.61 -16.74 -4.55
C SER B 95 -17.06 -15.38 -4.97
N PHE B 96 -17.41 -14.87 -6.15
CA PHE B 96 -16.92 -13.56 -6.61
C PHE B 96 -15.38 -13.64 -6.66
N TRP B 97 -14.65 -12.60 -6.27
CA TRP B 97 -13.20 -12.57 -6.42
C TRP B 97 -12.61 -11.86 -5.21
N THR B 98 -11.69 -12.54 -4.51
CA THR B 98 -11.05 -11.99 -3.32
C THR B 98 -9.58 -12.36 -3.33
N PHE B 99 -8.76 -11.48 -2.78
CA PHE B 99 -7.31 -11.55 -2.83
C PHE B 99 -6.75 -11.78 -1.42
N GLY B 100 -5.65 -12.51 -1.32
CA GLY B 100 -4.86 -12.45 -0.10
C GLY B 100 -4.30 -11.06 0.08
N GLN B 101 -3.78 -10.80 1.28
CA GLN B 101 -3.13 -9.52 1.55
C GLN B 101 -1.69 -9.46 1.06
N GLY B 102 -1.20 -10.51 0.44
CA GLY B 102 0.13 -10.44 -0.18
C GLY B 102 1.24 -10.90 0.75
N THR B 103 2.29 -11.44 0.14
CA THR B 103 3.57 -11.67 0.81
C THR B 103 4.63 -10.89 0.06
N LYS B 104 5.27 -9.94 0.72
CA LYS B 104 6.28 -9.11 0.09
C LYS B 104 7.63 -9.78 0.31
N VAL B 105 8.23 -10.23 -0.77
CA VAL B 105 9.54 -10.87 -0.73
C VAL B 105 10.56 -9.76 -0.91
N GLU B 106 11.42 -9.56 0.09
CA GLU B 106 12.36 -8.45 0.05
C GLU B 106 13.79 -8.95 0.26
N ILE B 107 14.77 -8.14 -0.17
CA ILE B 107 16.16 -8.60 -0.19
C ILE B 107 16.76 -8.40 1.20
N LYS B 108 17.55 -9.39 1.65
CA LYS B 108 18.05 -9.42 3.03
C LYS B 108 18.88 -8.19 3.34
N ARG B 109 18.86 -7.81 4.63
CA ARG B 109 19.62 -6.69 5.20
C ARG B 109 19.46 -5.38 4.46
N ALA B 112 21.02 -3.62 7.35
CA ALA B 112 21.84 -3.15 8.46
C ALA B 112 21.28 -3.68 9.78
N ALA B 113 21.57 -2.94 10.85
CA ALA B 113 21.13 -3.33 12.19
C ALA B 113 19.67 -2.90 12.40
N PRO B 114 18.81 -3.80 12.89
CA PRO B 114 17.48 -3.37 13.33
C PRO B 114 17.54 -2.33 14.44
N SER B 115 16.66 -1.34 14.37
CA SER B 115 16.52 -0.37 15.44
C SER B 115 15.09 0.15 15.48
N VAL B 116 14.71 0.69 16.63
CA VAL B 116 13.37 1.24 16.84
C VAL B 116 13.49 2.54 17.63
N PHE B 117 12.81 3.58 17.15
CA PHE B 117 12.84 4.90 17.77
C PHE B 117 11.42 5.38 17.96
N ILE B 118 11.20 6.21 18.98
CA ILE B 118 9.91 6.85 19.18
C ILE B 118 10.14 8.34 19.36
N PHE B 119 9.29 9.14 18.70
CA PHE B 119 9.41 10.60 18.71
C PHE B 119 8.17 11.24 19.30
N PRO B 120 8.30 12.03 20.36
CA PRO B 120 7.16 12.77 20.92
C PRO B 120 6.72 13.87 19.97
N PRO B 121 5.47 14.33 20.06
CA PRO B 121 5.08 15.52 19.30
C PRO B 121 5.97 16.70 19.67
N SER B 122 6.28 17.53 18.68
CA SER B 122 7.03 18.72 19.00
C SER B 122 6.13 19.73 19.69
N ASP B 123 6.73 20.56 20.54
CA ASP B 123 5.97 21.65 21.14
C ASP B 123 5.43 22.56 20.06
N GLU B 124 6.15 22.65 18.95
CA GLU B 124 5.74 23.43 17.80
C GLU B 124 4.39 22.95 17.26
N GLN B 125 4.24 21.64 17.04
CA GLN B 125 2.95 21.12 16.61
C GLN B 125 1.91 21.21 17.70
N LEU B 126 2.33 21.15 18.97
CA LEU B 126 1.37 21.24 20.06
C LEU B 126 0.60 22.57 20.02
N LYS B 127 1.28 23.67 19.67
CA LYS B 127 0.58 24.95 19.53
C LYS B 127 -0.65 24.81 18.65
N SER B 128 -0.53 24.06 17.55
CA SER B 128 -1.60 23.89 16.57
C SER B 128 -2.75 23.04 17.08
N GLY B 129 -2.73 22.60 18.34
CA GLY B 129 -3.82 21.80 18.87
C GLY B 129 -3.82 20.35 18.44
N THR B 130 -2.82 19.91 17.67
CA THR B 130 -2.69 18.52 17.26
C THR B 130 -1.36 17.97 17.78
N ALA B 131 -1.36 16.69 18.14
CA ALA B 131 -0.15 15.99 18.55
C ALA B 131 0.00 14.75 17.69
N SER B 132 1.15 14.61 17.05
CA SER B 132 1.49 13.41 16.29
C SER B 132 2.63 12.69 17.02
N VAL B 133 2.44 11.39 17.26
CA VAL B 133 3.46 10.56 17.89
C VAL B 133 3.94 9.56 16.86
N VAL B 134 5.25 9.56 16.61
CA VAL B 134 5.83 8.81 15.50
C VAL B 134 6.71 7.72 16.06
N CYS B 135 6.47 6.49 15.62
CA CYS B 135 7.30 5.34 15.94
C CYS B 135 7.99 4.88 14.66
N LEU B 136 9.32 4.77 14.71
CA LEU B 136 10.12 4.49 13.54
C LEU B 136 10.81 3.13 13.70
N LEU B 137 10.68 2.29 12.68
CA LEU B 137 11.29 0.97 12.66
C LEU B 137 12.22 0.92 11.47
N ASN B 138 13.44 0.41 11.70
CA ASN B 138 14.45 0.34 10.66
C ASN B 138 14.87 -1.11 10.46
N ASN B 139 14.95 -1.52 9.19
CA ASN B 139 15.56 -2.79 8.79
C ASN B 139 14.89 -3.98 9.44
N PHE B 140 13.59 -3.87 9.66
CA PHE B 140 12.87 -4.79 10.53
C PHE B 140 11.37 -4.53 10.40
N TYR B 141 10.56 -5.60 10.44
CA TYR B 141 9.14 -5.57 10.02
C TYR B 141 8.25 -6.45 10.90
N PRO B 142 7.07 -5.96 11.36
CA PRO B 142 6.20 -6.79 12.22
C PRO B 142 5.27 -7.71 11.44
N ARG B 143 4.37 -8.37 12.17
CA ARG B 143 3.29 -9.20 11.61
C ARG B 143 3.78 -10.14 10.50
N VAL B 147 1.90 -2.85 14.46
CA VAL B 147 2.47 -2.27 15.67
C VAL B 147 1.42 -1.64 16.59
N GLN B 148 1.48 -1.97 17.88
CA GLN B 148 0.48 -1.55 18.86
C GLN B 148 0.95 -0.33 19.64
N TRP B 149 0.07 0.66 19.78
CA TRP B 149 0.30 1.83 20.61
C TRP B 149 -0.40 1.68 21.94
N LYS B 150 0.30 1.97 23.03
CA LYS B 150 -0.26 1.97 24.38
C LYS B 150 -0.06 3.34 25.01
N VAL B 151 -1.11 3.91 25.58
CA VAL B 151 -1.07 5.23 26.19
C VAL B 151 -1.57 5.06 27.63
N ASP B 152 -0.63 5.01 28.58
CA ASP B 152 -0.91 4.60 29.96
C ASP B 152 -1.56 3.23 30.00
N ASN B 153 -0.96 2.28 29.29
CA ASN B 153 -1.38 0.89 29.16
C ASN B 153 -2.72 0.73 28.44
N ALA B 154 -3.27 1.81 27.90
CA ALA B 154 -4.53 1.79 27.17
C ALA B 154 -4.27 1.49 25.70
N LEU B 155 -4.73 0.34 25.23
CA LEU B 155 -4.50 -0.06 23.84
C LEU B 155 -5.27 0.86 22.90
N GLN B 156 -4.59 1.35 21.86
CA GLN B 156 -5.18 2.30 20.93
C GLN B 156 -5.70 1.62 19.68
N SER B 157 -6.79 2.15 19.15
CA SER B 157 -7.33 1.65 17.89
C SER B 157 -7.91 2.81 17.08
N GLY B 158 -7.77 2.70 15.76
CA GLY B 158 -8.42 3.62 14.83
C GLY B 158 -7.78 4.99 14.70
N ASN B 159 -6.69 5.27 15.42
CA ASN B 159 -6.07 6.59 15.41
C ASN B 159 -4.59 6.52 15.08
N SER B 160 -4.16 5.48 14.36
CA SER B 160 -2.78 5.31 13.95
C SER B 160 -2.72 4.92 12.48
N GLN B 161 -1.67 5.39 11.80
CA GLN B 161 -1.46 5.08 10.39
C GLN B 161 -0.03 4.61 10.18
N GLU B 162 0.15 3.67 9.26
CA GLU B 162 1.44 3.03 9.01
C GLU B 162 1.83 3.20 7.54
N SER B 163 3.14 3.27 7.30
CA SER B 163 3.67 3.34 5.95
C SER B 163 5.07 2.75 5.95
N VAL B 164 5.55 2.39 4.76
CA VAL B 164 6.81 1.67 4.61
C VAL B 164 7.54 2.19 3.39
N THR B 165 8.86 2.16 3.44
CA THR B 165 9.64 2.55 2.28
C THR B 165 10.00 1.34 1.45
N GLU B 166 10.63 1.61 0.31
CA GLU B 166 10.96 0.58 -0.66
C GLU B 166 12.48 0.42 -0.73
N GLN B 167 12.92 -0.82 -0.87
CA GLN B 167 14.34 -1.07 -1.03
C GLN B 167 14.83 -0.55 -2.37
N ASP B 168 15.97 0.09 -2.33
CA ASP B 168 16.65 0.61 -3.51
C ASP B 168 18.14 0.46 -3.26
N SER B 169 18.90 0.47 -4.37
CA SER B 169 20.37 0.30 -4.39
C SER B 169 21.10 0.55 -3.06
N ASP B 171 22.35 0.34 1.60
CA ASP B 171 21.87 -0.54 0.54
C ASP B 171 20.83 -1.50 1.08
N SER B 172 19.66 -1.53 0.44
CA SER B 172 18.58 -2.42 0.81
C SER B 172 18.06 -2.16 2.22
N THR B 173 18.44 -1.03 2.80
CA THR B 173 17.84 -0.58 4.05
C THR B 173 16.37 -0.23 3.82
N TYR B 174 15.55 -0.40 4.85
CA TYR B 174 14.14 -0.07 4.74
C TYR B 174 13.59 0.34 6.09
N SER B 175 12.50 1.09 6.06
CA SER B 175 11.92 1.60 7.29
C SER B 175 10.40 1.48 7.25
N LEU B 176 9.83 1.41 8.45
CA LEU B 176 8.39 1.38 8.67
C LEU B 176 8.06 2.40 9.76
N SER B 177 7.00 3.17 9.54
CA SER B 177 6.59 4.22 10.46
C SER B 177 5.15 3.99 10.88
N SER B 178 4.87 4.21 12.16
CA SER B 178 3.51 4.26 12.68
C SER B 178 3.30 5.63 13.29
N THR B 179 2.25 6.31 12.87
CA THR B 179 1.98 7.66 13.34
C THR B 179 0.63 7.64 14.08
N LEU B 180 0.68 7.87 15.39
CA LEU B 180 -0.51 7.96 16.22
C LEU B 180 -0.96 9.42 16.30
N THR B 181 -2.21 9.68 15.97
CA THR B 181 -2.71 11.05 15.80
C THR B 181 -3.72 11.37 16.90
N LEU B 182 -3.42 12.38 17.71
CA LEU B 182 -4.26 12.77 18.85
C LEU B 182 -4.44 14.28 18.88
N SER B 183 -5.60 14.70 19.39
CA SER B 183 -5.79 16.09 19.74
C SER B 183 -4.87 16.46 20.89
N LYS B 184 -4.49 17.74 20.95
CA LYS B 184 -3.60 18.18 22.03
C LYS B 184 -4.23 17.96 23.39
N ALA B 185 -5.55 18.16 23.50
CA ALA B 185 -6.23 17.92 24.77
C ALA B 185 -6.01 16.49 25.24
N ASP B 186 -6.25 15.50 24.37
CA ASP B 186 -6.02 14.11 24.75
C ASP B 186 -4.57 13.84 25.10
N TYR B 187 -3.63 14.55 24.44
CA TYR B 187 -2.22 14.32 24.69
C TYR B 187 -1.81 14.83 26.08
N GLU B 188 -2.33 15.98 26.50
CA GLU B 188 -2.03 16.49 27.82
C GLU B 188 -2.64 15.66 28.95
N LYS B 189 -3.57 14.76 28.62
CA LYS B 189 -4.28 13.94 29.60
C LYS B 189 -3.57 12.62 29.92
N HIS B 190 -2.31 12.47 29.55
CA HIS B 190 -1.64 11.18 29.73
C HIS B 190 -0.16 11.39 30.01
N LYS B 191 0.47 10.36 30.54
CA LYS B 191 1.90 10.44 30.86
C LYS B 191 2.74 9.49 30.00
N VAL B 192 2.43 8.20 30.00
CA VAL B 192 3.28 7.20 29.38
C VAL B 192 2.77 6.90 27.98
N TYR B 193 3.62 7.09 26.99
CA TYR B 193 3.31 6.80 25.59
C TYR B 193 4.29 5.75 25.12
N ALA B 194 3.78 4.62 24.64
CA ALA B 194 4.60 3.48 24.29
C ALA B 194 4.24 2.95 22.92
N CYS B 195 5.26 2.55 22.19
CA CYS B 195 5.15 1.92 20.89
C CYS B 195 5.69 0.50 21.01
N GLU B 196 4.82 -0.49 20.84
CA GLU B 196 5.21 -1.90 20.93
C GLU B 196 5.10 -2.56 19.57
N VAL B 197 6.16 -3.23 19.15
CA VAL B 197 6.18 -3.93 17.87
C VAL B 197 6.73 -5.33 18.10
N THR B 198 6.05 -6.33 17.55
CA THR B 198 6.37 -7.73 17.75
C THR B 198 6.85 -8.33 16.45
N HIS B 199 8.02 -8.98 16.49
CA HIS B 199 8.47 -9.71 15.32
C HIS B 199 8.11 -11.19 15.41
N GLN B 200 8.69 -11.90 16.36
CA GLN B 200 8.45 -13.33 16.54
C GLN B 200 9.25 -13.79 17.75
N GLY B 201 8.84 -14.93 18.31
CA GLY B 201 9.48 -15.50 19.48
C GLY B 201 11.01 -15.57 19.55
N SER B 204 11.28 -10.74 18.91
CA SER B 204 10.16 -10.77 19.84
C SER B 204 9.82 -9.33 20.22
N PRO B 205 8.72 -9.09 20.95
CA PRO B 205 8.26 -7.70 21.15
C PRO B 205 9.32 -6.78 21.74
N VAL B 206 9.34 -5.55 21.24
CA VAL B 206 10.10 -4.46 21.84
C VAL B 206 9.16 -3.26 21.99
N THR B 207 9.34 -2.52 23.09
CA THR B 207 8.47 -1.41 23.45
C THR B 207 9.33 -0.20 23.78
N LYS B 208 9.30 0.82 22.92
CA LYS B 208 9.92 2.10 23.20
C LYS B 208 8.85 3.04 23.72
N SER B 209 9.21 3.84 24.73
CA SER B 209 8.23 4.68 25.38
C SER B 209 8.89 5.99 25.80
N PHE B 210 8.06 6.93 26.23
CA PHE B 210 8.53 8.16 26.85
C PHE B 210 7.48 8.67 27.83
N ASN B 211 7.93 9.50 28.77
CA ASN B 211 7.04 10.15 29.71
C ASN B 211 6.81 11.58 29.26
N ARG B 212 5.55 11.95 29.09
CA ARG B 212 5.20 13.29 28.63
C ARG B 212 5.82 14.34 29.53
N GLY B 213 6.42 15.36 28.92
CA GLY B 213 7.02 16.43 29.68
C GLY B 213 8.35 16.12 30.32
N GLU B 214 9.00 15.02 29.94
CA GLU B 214 10.33 14.69 30.48
C GLU B 214 11.31 14.41 29.35
N ALA C 4 -21.72 -21.70 -11.77
CA ALA C 4 -20.79 -20.86 -11.03
C ALA C 4 -21.34 -19.44 -10.83
N ASN C 5 -22.49 -19.19 -11.48
CA ASN C 5 -23.22 -17.93 -11.62
C ASN C 5 -22.26 -16.74 -11.82
N PRO C 6 -21.94 -15.85 -10.86
CA PRO C 6 -21.07 -14.71 -11.27
C PRO C 6 -19.74 -15.19 -11.79
N ASN C 7 -19.28 -16.36 -11.35
CA ASN C 7 -17.98 -16.87 -11.70
C ASN C 7 -18.00 -17.76 -12.93
N ALA C 8 -19.18 -17.95 -13.54
CA ALA C 8 -19.24 -18.70 -14.78
C ALA C 8 -18.48 -17.98 -15.89
N ASN C 9 -18.16 -18.72 -16.94
CA ASN C 9 -17.38 -18.24 -18.08
C ASN C 9 -18.05 -16.99 -18.65
N PRO C 10 -17.41 -15.83 -18.55
CA PRO C 10 -18.02 -14.57 -19.06
C PRO C 10 -17.62 -14.23 -20.48
N ASN C 11 -17.02 -15.16 -21.21
CA ASN C 11 -16.50 -14.90 -22.53
C ASN C 11 -17.41 -15.46 -23.61
N ALA C 12 -17.23 -14.96 -24.82
CA ALA C 12 -17.80 -15.56 -26.03
C ALA C 12 -17.33 -17.01 -26.18
#